data_5U99
#
_entry.id   5U99
#
_cell.length_a   134.758
_cell.length_b   134.758
_cell.length_c   111.005
_cell.angle_alpha   90.00
_cell.angle_beta   90.00
_cell.angle_gamma   120.00
#
_symmetry.space_group_name_H-M   'H 3 2'
#
loop_
_entity.id
_entity.type
_entity.pdbx_description
1 polymer 'ATP phosphoribosyltransferase'
2 non-polymer 'SULFATE ION'
3 non-polymer 'MAGNESIUM ION'
4 non-polymer "ADENOSINE-5'-TRIPHOSPHATE"
5 water water
#
_entity_poly.entity_id   1
_entity_poly.type   'polypeptide(L)'
_entity_poly.pdbx_seq_one_letter_code
;GAMLRVAVPNKGALSEPATEILAEAGYRRRTDSKDLTVIDPVNNVEFFFLRPKDIAIYVGSGELDFGITGRDLVCDSGAQ
VRERLALGFGSSSFRYAAPAGRNWTTADLAGMRIATAYPNLVRKDLATKGIEATVIRLDGAVEISVQLGVADAIADVVGS
GRTLSQHDLVAFGEPLCDSEAVLIERAGTDGQDQTEARDQLVARVQGVVFGQQYLMLDYDCPRSALKKATAITPGLESPT
IAPLADPDWVAIRALVPRRDVNGIMDELAAIGAKAILASDIRFCRF
;
_entity_poly.pdbx_strand_id   A
#
loop_
_chem_comp.id
_chem_comp.type
_chem_comp.name
_chem_comp.formula
ATP non-polymer ADENOSINE-5'-TRIPHOSPHATE 'C10 H16 N5 O13 P3'
MG non-polymer 'MAGNESIUM ION' 'Mg 2'
SO4 non-polymer 'SULFATE ION' 'O4 S -2'
#
# COMPACT_ATOMS: atom_id res chain seq x y z
N GLY A 1 -11.90 23.88 11.30
CA GLY A 1 -13.18 24.49 11.03
C GLY A 1 -14.31 23.50 11.00
N ALA A 2 -14.76 23.18 9.79
CA ALA A 2 -15.82 22.20 9.62
C ALA A 2 -15.27 20.83 9.93
N MET A 3 -16.09 19.95 10.48
CA MET A 3 -15.64 18.62 10.82
C MET A 3 -15.31 17.77 9.60
N LEU A 4 -14.11 17.21 9.59
CA LEU A 4 -13.66 16.34 8.50
C LEU A 4 -14.34 15.00 8.56
N ARG A 5 -14.56 14.43 7.38
CA ARG A 5 -15.33 13.21 7.23
C ARG A 5 -14.40 12.18 6.61
N VAL A 6 -14.11 11.11 7.34
CA VAL A 6 -13.13 10.12 6.94
C VAL A 6 -13.76 8.73 7.02
N ALA A 7 -13.57 7.95 5.95
CA ALA A 7 -14.12 6.61 5.84
C ALA A 7 -13.04 5.56 5.94
N VAL A 8 -13.35 4.47 6.61
CA VAL A 8 -12.42 3.37 6.81
C VAL A 8 -13.18 2.09 6.53
N PRO A 9 -12.51 1.01 6.09
CA PRO A 9 -13.25 -0.24 5.90
C PRO A 9 -13.87 -0.80 7.18
N ASN A 10 -15.13 -1.24 7.10
CA ASN A 10 -15.88 -1.74 8.29
C ASN A 10 -15.45 -3.13 8.77
N LYS A 11 -14.82 -3.90 7.88
CA LYS A 11 -14.72 -5.34 7.99
C LYS A 11 -13.62 -5.81 7.03
N GLY A 12 -13.16 -7.04 7.18
CA GLY A 12 -12.22 -7.62 6.23
C GLY A 12 -10.79 -7.21 6.51
N ALA A 13 -9.90 -7.57 5.58
CA ALA A 13 -8.46 -7.50 5.80
C ALA A 13 -7.87 -6.08 5.81
N LEU A 14 -8.61 -5.07 5.36
CA LEU A 14 -8.14 -3.70 5.42
C LEU A 14 -8.66 -2.94 6.65
N SER A 15 -9.46 -3.59 7.49
CA SER A 15 -10.12 -2.86 8.59
C SER A 15 -9.24 -2.69 9.82
N GLU A 16 -8.78 -3.81 10.38
CA GLU A 16 -8.03 -3.78 11.67
C GLU A 16 -6.75 -2.93 11.55
N PRO A 17 -5.99 -3.07 10.48
CA PRO A 17 -4.79 -2.27 10.32
C PRO A 17 -5.12 -0.78 10.19
N ALA A 18 -6.18 -0.44 9.50
CA ALA A 18 -6.61 0.94 9.36
C ALA A 18 -7.02 1.51 10.72
N THR A 19 -7.85 0.79 11.48
CA THR A 19 -8.24 1.29 12.81
C THR A 19 -7.06 1.31 13.80
N GLU A 20 -6.08 0.43 13.64
CA GLU A 20 -4.81 0.49 14.39
C GLU A 20 -4.05 1.78 14.09
N ILE A 21 -3.93 2.15 12.81
CA ILE A 21 -3.22 3.38 12.44
C ILE A 21 -3.92 4.62 13.00
N LEU A 22 -5.24 4.65 12.92
CA LEU A 22 -6.02 5.76 13.43
C LEU A 22 -5.91 5.90 14.96
N ALA A 23 -5.86 4.79 15.69
CA ALA A 23 -5.71 4.85 17.15
C ALA A 23 -4.31 5.33 17.55
N GLU A 24 -3.29 4.79 16.88
CA GLU A 24 -1.92 5.28 17.07
C GLU A 24 -1.73 6.75 16.71
N ALA A 25 -2.53 7.23 15.77
CA ALA A 25 -2.52 8.62 15.39
C ALA A 25 -3.30 9.52 16.37
N GLY A 26 -3.82 8.95 17.47
CA GLY A 26 -4.49 9.71 18.49
C GLY A 26 -5.98 9.88 18.32
N TYR A 27 -6.58 9.27 17.29
CA TYR A 27 -8.00 9.49 17.01
C TYR A 27 -8.87 8.59 17.85
N ARG A 28 -10.07 9.09 18.15
CA ARG A 28 -10.97 8.42 19.05
C ARG A 28 -11.48 7.14 18.40
N ARG A 29 -11.37 6.03 19.12
CA ARG A 29 -11.75 4.71 18.62
C ARG A 29 -13.27 4.51 18.77
N ARG A 30 -13.81 3.50 18.10
CA ARG A 30 -15.24 3.18 18.21
C ARG A 30 -15.68 2.67 19.59
N THR A 31 -16.79 3.21 20.10
CA THR A 31 -17.33 2.83 21.41
C THR A 31 -17.84 1.39 21.47
N ASP A 32 -18.41 0.88 20.37
CA ASP A 32 -18.80 -0.53 20.22
C ASP A 32 -18.41 -1.02 18.85
N SER A 33 -17.89 -2.24 18.76
CA SER A 33 -17.40 -2.80 17.49
C SER A 33 -18.46 -2.95 16.38
N LYS A 34 -19.75 -2.92 16.74
CA LYS A 34 -20.87 -2.89 15.76
C LYS A 34 -21.33 -1.47 15.36
N ASP A 35 -20.53 -0.45 15.71
CA ASP A 35 -20.78 0.93 15.26
C ASP A 35 -20.18 1.15 13.88
N LEU A 36 -20.89 1.91 13.06
CA LEU A 36 -20.47 2.32 11.72
C LEU A 36 -20.07 3.77 11.69
N THR A 37 -20.00 4.40 12.85
CA THR A 37 -19.55 5.76 12.91
C THR A 37 -19.03 6.14 14.27
N VAL A 38 -18.13 7.11 14.29
CA VAL A 38 -17.66 7.64 15.55
C VAL A 38 -17.27 9.07 15.31
N ILE A 39 -17.54 9.93 16.27
CA ILE A 39 -17.19 11.32 16.15
C ILE A 39 -16.10 11.63 17.13
N ASP A 40 -15.03 12.22 16.65
CA ASP A 40 -13.94 12.58 17.55
C ASP A 40 -14.01 14.10 17.77
N PRO A 41 -14.57 14.54 18.93
CA PRO A 41 -14.79 15.98 19.16
C PRO A 41 -13.52 16.77 19.49
N VAL A 42 -12.50 16.11 20.03
CA VAL A 42 -11.22 16.76 20.32
C VAL A 42 -10.48 17.12 19.04
N ASN A 43 -10.30 16.14 18.15
CA ASN A 43 -9.63 16.38 16.86
C ASN A 43 -10.54 16.89 15.73
N ASN A 44 -11.85 17.01 15.96
CA ASN A 44 -12.77 17.58 14.96
C ASN A 44 -12.80 16.77 13.66
N VAL A 45 -13.02 15.46 13.80
CA VAL A 45 -13.14 14.52 12.67
C VAL A 45 -14.22 13.47 12.95
N GLU A 46 -15.09 13.26 11.96
CA GLU A 46 -16.10 12.22 12.02
C GLU A 46 -15.65 11.05 11.13
N PHE A 47 -15.67 9.84 11.70
CA PHE A 47 -15.30 8.62 10.98
C PHE A 47 -16.51 7.82 10.58
N PHE A 48 -16.51 7.33 9.36
CA PHE A 48 -17.53 6.40 8.87
C PHE A 48 -16.85 5.10 8.48
N PHE A 49 -17.55 3.99 8.67
CA PHE A 49 -17.00 2.67 8.39
C PHE A 49 -17.84 2.01 7.30
N LEU A 50 -17.25 1.83 6.14
CA LEU A 50 -17.94 1.33 4.99
C LEU A 50 -17.24 0.25 4.24
N ARG A 51 -17.96 -0.36 3.32
CA ARG A 51 -17.40 -1.36 2.44
C ARG A 51 -16.38 -0.64 1.57
N PRO A 52 -15.27 -1.30 1.28
CA PRO A 52 -14.18 -0.66 0.55
C PRO A 52 -14.55 -0.12 -0.81
N LYS A 53 -15.39 -0.79 -1.57
CA LYS A 53 -15.77 -0.27 -2.91
C LYS A 53 -16.49 1.07 -2.82
N ASP A 54 -17.39 1.18 -1.85
CA ASP A 54 -18.13 2.42 -1.62
C ASP A 54 -17.26 3.57 -1.15
N ILE A 55 -16.11 3.28 -0.52
CA ILE A 55 -15.26 4.33 0.01
C ILE A 55 -14.74 5.21 -1.13
N ALA A 56 -14.28 4.57 -2.19
CA ALA A 56 -13.76 5.28 -3.35
C ALA A 56 -14.81 6.16 -4.02
N ILE A 57 -16.02 5.65 -4.16
CA ILE A 57 -17.12 6.40 -4.80
C ILE A 57 -17.39 7.70 -4.02
N TYR A 58 -17.55 7.61 -2.71
CA TYR A 58 -18.00 8.78 -1.91
C TYR A 58 -16.90 9.80 -1.58
N VAL A 59 -15.62 9.41 -1.66
CA VAL A 59 -14.54 10.39 -1.73
C VAL A 59 -14.64 11.10 -3.10
N GLY A 60 -14.77 10.29 -4.16
CA GLY A 60 -14.98 10.80 -5.51
C GLY A 60 -16.08 11.85 -5.60
N SER A 61 -17.26 11.52 -5.06
CA SER A 61 -18.43 12.42 -5.17
C SER A 61 -18.49 13.55 -4.12
N GLY A 62 -17.52 13.62 -3.23
CA GLY A 62 -17.43 14.71 -2.27
C GLY A 62 -18.14 14.51 -0.94
N GLU A 63 -18.91 13.43 -0.77
CA GLU A 63 -19.53 13.15 0.55
C GLU A 63 -18.51 12.82 1.65
N LEU A 64 -17.33 12.35 1.27
CA LEU A 64 -16.20 12.18 2.20
C LEU A 64 -14.99 13.03 1.80
N ASP A 65 -14.21 13.42 2.80
CA ASP A 65 -12.98 14.17 2.60
C ASP A 65 -11.81 13.26 2.31
N PHE A 66 -11.67 12.20 3.13
CA PHE A 66 -10.65 11.17 2.96
C PHE A 66 -11.25 9.80 3.11
N GLY A 67 -10.59 8.82 2.51
CA GLY A 67 -10.92 7.42 2.69
C GLY A 67 -9.68 6.55 2.74
N ILE A 68 -9.81 5.39 3.36
CA ILE A 68 -8.78 4.37 3.34
C ILE A 68 -9.36 3.17 2.61
N THR A 69 -8.68 2.75 1.54
CA THR A 69 -9.11 1.61 0.75
C THR A 69 -7.94 1.05 -0.04
N GLY A 70 -8.20 0.08 -0.89
CA GLY A 70 -7.13 -0.59 -1.65
C GLY A 70 -6.89 0.15 -2.94
N ARG A 71 -5.62 0.22 -3.37
CA ARG A 71 -5.22 0.92 -4.61
C ARG A 71 -5.89 0.30 -5.82
N ASP A 72 -5.94 -1.03 -5.85
CA ASP A 72 -6.59 -1.73 -6.94
C ASP A 72 -8.06 -1.36 -7.05
N LEU A 73 -8.74 -1.21 -5.92
CA LEU A 73 -10.13 -0.77 -5.94
C LEU A 73 -10.29 0.61 -6.53
N VAL A 74 -9.37 1.50 -6.18
CA VAL A 74 -9.36 2.84 -6.71
C VAL A 74 -9.09 2.80 -8.21
N CYS A 75 -8.16 1.97 -8.64
CA CYS A 75 -7.82 1.87 -10.05
C CYS A 75 -9.07 1.44 -10.78
N ASP A 76 -9.77 0.49 -10.19
CA ASP A 76 -11.05 0.01 -10.79
C ASP A 76 -12.28 0.95 -10.72
N SER A 77 -12.33 1.81 -9.72
CA SER A 77 -13.52 2.63 -9.48
C SER A 77 -13.76 3.66 -10.60
N GLY A 78 -12.69 4.28 -11.10
CA GLY A 78 -12.82 5.44 -11.98
C GLY A 78 -13.52 6.58 -11.26
N ALA A 79 -13.15 6.81 -9.99
CA ALA A 79 -13.69 7.93 -9.21
C ALA A 79 -12.70 9.08 -9.29
N GLN A 80 -13.21 10.31 -9.10
CA GLN A 80 -12.38 11.52 -9.13
C GLN A 80 -11.54 11.66 -7.85
N VAL A 81 -10.48 10.86 -7.73
CA VAL A 81 -9.67 10.77 -6.49
C VAL A 81 -8.17 10.67 -6.74
N ARG A 82 -7.38 11.30 -5.88
CA ARG A 82 -5.91 11.23 -5.90
C ARG A 82 -5.39 10.50 -4.64
N GLU A 83 -4.42 9.62 -4.84
CA GLU A 83 -3.76 8.92 -3.76
C GLU A 83 -2.83 9.85 -2.98
N ARG A 84 -3.19 10.15 -1.74
CA ARG A 84 -2.41 11.07 -0.92
C ARG A 84 -1.29 10.42 -0.11
N LEU A 85 -1.37 9.11 0.13
CA LEU A 85 -0.43 8.43 1.01
C LEU A 85 -0.54 6.93 0.79
N ALA A 86 0.57 6.22 0.88
CA ALA A 86 0.58 4.75 0.82
C ALA A 86 0.76 4.21 2.23
N LEU A 87 0.00 3.17 2.59
CA LEU A 87 -0.12 2.83 4.00
C LEU A 87 0.63 1.60 4.47
N GLY A 88 1.30 0.87 3.57
CA GLY A 88 2.20 -0.22 3.97
C GLY A 88 1.57 -1.49 4.52
N PHE A 89 0.29 -1.72 4.22
CA PHE A 89 -0.39 -2.98 4.52
C PHE A 89 -1.40 -3.26 3.41
N GLY A 90 -1.88 -4.51 3.35
CA GLY A 90 -2.90 -4.94 2.42
C GLY A 90 -2.34 -5.11 1.03
N SER A 91 -1.02 -5.27 0.94
CA SER A 91 -0.35 -5.25 -0.33
C SER A 91 -0.69 -6.50 -1.11
N SER A 92 -0.73 -6.35 -2.42
CA SER A 92 -1.04 -7.45 -3.30
C SER A 92 -0.60 -7.11 -4.71
N SER A 93 -0.68 -8.10 -5.58
CA SER A 93 -0.27 -7.93 -6.95
C SER A 93 -1.46 -8.36 -7.80
N PHE A 94 -1.85 -7.50 -8.74
CA PHE A 94 -2.95 -7.83 -9.67
C PHE A 94 -2.39 -8.43 -10.96
N ARG A 95 -2.80 -9.64 -11.30
CA ARG A 95 -2.13 -10.46 -12.31
C ARG A 95 -3.07 -11.14 -13.29
N TYR A 96 -2.67 -11.17 -14.56
CA TYR A 96 -3.23 -12.11 -15.51
C TYR A 96 -2.76 -13.52 -15.14
N ALA A 97 -3.61 -14.50 -15.36
CA ALA A 97 -3.26 -15.89 -15.09
C ALA A 97 -4.09 -16.83 -15.94
N ALA A 98 -3.49 -17.98 -16.25
CA ALA A 98 -4.10 -19.00 -17.10
C ALA A 98 -3.55 -20.37 -16.75
N PRO A 99 -4.17 -21.40 -17.31
CA PRO A 99 -3.77 -22.77 -17.02
C PRO A 99 -2.35 -23.09 -17.42
N ALA A 100 -1.68 -23.84 -16.57
CA ALA A 100 -0.30 -24.22 -16.78
C ALA A 100 -0.10 -25.18 -17.95
N GLY A 101 1.10 -25.16 -18.50
CA GLY A 101 1.49 -25.99 -19.61
C GLY A 101 1.92 -25.14 -20.77
N ARG A 102 1.04 -24.27 -21.23
CA ARG A 102 1.37 -23.36 -22.32
C ARG A 102 2.24 -22.23 -21.78
N ASN A 103 3.02 -21.60 -22.65
CA ASN A 103 3.82 -20.48 -22.22
C ASN A 103 2.91 -19.33 -22.56
N TRP A 104 2.57 -18.53 -21.57
CA TRP A 104 1.62 -17.45 -21.80
C TRP A 104 2.18 -16.08 -21.91
N THR A 105 1.63 -15.34 -22.84
CA THR A 105 2.03 -13.95 -23.03
C THR A 105 0.75 -13.13 -23.03
N THR A 106 0.94 -11.83 -22.88
CA THR A 106 -0.17 -10.88 -22.92
C THR A 106 -0.92 -10.96 -24.27
N ALA A 107 -0.17 -11.15 -25.35
CA ALA A 107 -0.74 -11.31 -26.69
C ALA A 107 -1.73 -12.47 -26.82
N ASP A 108 -1.51 -13.55 -26.07
CA ASP A 108 -2.45 -14.70 -26.05
C ASP A 108 -3.86 -14.33 -25.55
N LEU A 109 -3.98 -13.26 -24.74
CA LEU A 109 -5.27 -12.77 -24.25
C LEU A 109 -6.32 -12.33 -25.29
N ALA A 110 -5.95 -12.21 -26.58
CA ALA A 110 -6.88 -11.72 -27.61
C ALA A 110 -8.00 -12.71 -27.94
N GLY A 111 -9.24 -12.20 -27.99
CA GLY A 111 -10.43 -13.01 -28.25
C GLY A 111 -10.88 -13.94 -27.13
N MET A 112 -10.32 -13.77 -25.93
CA MET A 112 -10.52 -14.73 -24.83
C MET A 112 -11.56 -14.26 -23.84
N ARG A 113 -12.17 -15.23 -23.15
CA ARG A 113 -13.06 -14.98 -22.00
C ARG A 113 -12.17 -14.75 -20.80
N ILE A 114 -12.14 -13.52 -20.30
CA ILE A 114 -11.32 -13.21 -19.10
C ILE A 114 -12.23 -12.89 -17.92
N ALA A 115 -12.07 -13.63 -16.83
CA ALA A 115 -12.87 -13.40 -15.65
C ALA A 115 -12.08 -12.61 -14.64
N THR A 116 -12.77 -11.70 -13.94
CA THR A 116 -12.15 -10.78 -13.01
C THR A 116 -13.22 -10.12 -12.14
N ALA A 117 -12.83 -9.68 -10.94
CA ALA A 117 -13.73 -8.82 -10.13
C ALA A 117 -13.51 -7.35 -10.40
N TYR A 118 -12.55 -7.03 -11.27
CA TYR A 118 -12.11 -5.67 -11.50
C TYR A 118 -12.21 -5.37 -13.02
N PRO A 119 -13.44 -5.32 -13.56
CA PRO A 119 -13.60 -5.20 -15.02
C PRO A 119 -13.10 -3.90 -15.67
N ASN A 120 -13.25 -2.77 -14.99
CA ASN A 120 -12.81 -1.49 -15.53
C ASN A 120 -11.27 -1.40 -15.61
N LEU A 121 -10.65 -1.83 -14.54
CA LEU A 121 -9.19 -1.98 -14.47
C LEU A 121 -8.70 -2.75 -15.68
N VAL A 122 -9.31 -3.90 -15.91
CA VAL A 122 -8.90 -4.81 -16.98
C VAL A 122 -9.23 -4.23 -18.37
N ARG A 123 -10.43 -3.67 -18.56
CA ARG A 123 -10.77 -3.03 -19.84
C ARG A 123 -9.74 -1.95 -20.19
N LYS A 124 -9.37 -1.14 -19.20
CA LYS A 124 -8.37 -0.09 -19.42
C LYS A 124 -6.98 -0.64 -19.80
N ASP A 125 -6.50 -1.66 -19.09
CA ASP A 125 -5.23 -2.35 -19.42
C ASP A 125 -5.20 -2.98 -20.83
N LEU A 126 -6.32 -3.56 -21.24
CA LEU A 126 -6.42 -4.16 -22.57
C LEU A 126 -6.39 -3.12 -23.68
N ALA A 127 -7.04 -1.98 -23.44
CA ALA A 127 -7.02 -0.87 -24.39
C ALA A 127 -5.60 -0.35 -24.61
N THR A 128 -4.79 -0.29 -23.56
CA THR A 128 -3.38 0.16 -23.68
C THR A 128 -2.50 -0.80 -24.46
N LYS A 129 -2.86 -2.08 -24.45
CA LYS A 129 -2.18 -3.09 -25.24
C LYS A 129 -2.70 -3.21 -26.66
N GLY A 130 -3.89 -2.65 -26.91
CA GLY A 130 -4.58 -2.79 -28.18
C GLY A 130 -5.29 -4.13 -28.35
N ILE A 131 -5.72 -4.76 -27.26
CA ILE A 131 -6.29 -6.11 -27.32
C ILE A 131 -7.79 -6.05 -27.08
N GLU A 132 -8.54 -6.75 -27.94
CA GLU A 132 -9.98 -6.97 -27.77
C GLU A 132 -10.18 -8.38 -27.16
N ALA A 133 -10.86 -8.42 -26.02
CA ALA A 133 -11.22 -9.67 -25.40
C ALA A 133 -12.57 -9.46 -24.74
N THR A 134 -13.17 -10.52 -24.21
CA THR A 134 -14.46 -10.40 -23.55
C THR A 134 -14.23 -10.60 -22.05
N VAL A 135 -14.47 -9.55 -21.28
CA VAL A 135 -14.19 -9.50 -19.85
C VAL A 135 -15.45 -9.90 -19.07
N ILE A 136 -15.34 -10.90 -18.18
CA ILE A 136 -16.50 -11.43 -17.43
C ILE A 136 -16.38 -11.03 -15.96
N ARG A 137 -17.45 -10.45 -15.44
CA ARG A 137 -17.46 -9.91 -14.09
C ARG A 137 -17.91 -10.96 -13.09
N LEU A 138 -17.02 -11.31 -12.16
CA LEU A 138 -17.40 -12.09 -10.97
C LEU A 138 -17.33 -11.20 -9.74
N ASP A 139 -17.91 -11.67 -8.65
CA ASP A 139 -17.88 -10.94 -7.39
C ASP A 139 -16.63 -11.33 -6.56
N GLY A 140 -16.02 -12.47 -6.90
CA GLY A 140 -14.82 -12.96 -6.24
C GLY A 140 -14.65 -14.46 -6.45
N ALA A 141 -13.68 -15.05 -5.76
CA ALA A 141 -13.28 -16.44 -5.98
C ALA A 141 -12.97 -16.70 -7.46
N VAL A 142 -12.34 -15.75 -8.15
CA VAL A 142 -12.32 -15.77 -9.61
C VAL A 142 -11.43 -16.85 -10.20
N GLU A 143 -10.46 -17.32 -9.41
CA GLU A 143 -9.53 -18.34 -9.87
C GLU A 143 -10.10 -19.77 -10.04
N ILE A 144 -11.38 -20.00 -9.72
CA ILE A 144 -12.04 -21.26 -10.10
C ILE A 144 -12.87 -21.12 -11.38
N SER A 145 -12.94 -19.91 -11.92
CA SER A 145 -13.78 -19.63 -13.10
C SER A 145 -13.37 -20.40 -14.35
N VAL A 146 -12.09 -20.78 -14.43
CA VAL A 146 -11.62 -21.57 -15.55
C VAL A 146 -11.91 -23.08 -15.35
N GLN A 147 -11.76 -23.62 -14.12
CA GLN A 147 -12.21 -25.02 -13.85
C GLN A 147 -13.75 -25.12 -13.97
N LEU A 148 -14.44 -24.01 -13.69
CA LEU A 148 -15.89 -23.92 -13.83
C LEU A 148 -16.36 -23.86 -15.29
N GLY A 149 -15.47 -23.51 -16.21
CA GLY A 149 -15.77 -23.48 -17.65
C GLY A 149 -16.49 -22.22 -18.13
N VAL A 150 -16.25 -21.10 -17.43
CA VAL A 150 -16.83 -19.80 -17.72
C VAL A 150 -15.77 -18.81 -18.27
N ALA A 151 -14.49 -19.21 -18.28
CA ALA A 151 -13.39 -18.35 -18.70
C ALA A 151 -12.12 -19.12 -19.12
N ASP A 152 -11.31 -18.49 -19.97
CA ASP A 152 -10.05 -19.08 -20.48
C ASP A 152 -8.81 -18.65 -19.68
N ALA A 153 -8.84 -17.42 -19.18
CA ALA A 153 -7.79 -16.88 -18.31
C ALA A 153 -8.48 -16.00 -17.29
N ILE A 154 -7.71 -15.50 -16.31
CA ILE A 154 -8.24 -14.59 -15.30
C ILE A 154 -7.34 -13.39 -15.08
N ALA A 155 -7.93 -12.36 -14.47
CA ALA A 155 -7.18 -11.22 -13.94
C ALA A 155 -7.60 -11.11 -12.50
N ASP A 156 -6.66 -11.36 -11.58
CA ASP A 156 -7.00 -11.41 -10.17
C ASP A 156 -5.90 -10.99 -9.20
N VAL A 157 -6.37 -10.64 -8.02
CA VAL A 157 -5.55 -10.27 -6.90
C VAL A 157 -4.74 -11.50 -6.51
N VAL A 158 -3.43 -11.33 -6.37
CA VAL A 158 -2.54 -12.40 -5.95
C VAL A 158 -1.77 -11.91 -4.73
N GLY A 159 -1.67 -12.78 -3.73
CA GLY A 159 -0.87 -12.53 -2.53
C GLY A 159 0.35 -13.43 -2.58
N SER A 160 0.28 -14.57 -1.92
CA SER A 160 1.36 -15.56 -1.95
C SER A 160 1.47 -16.25 -3.32
N GLY A 161 0.33 -16.51 -3.95
CA GLY A 161 0.30 -17.34 -5.16
C GLY A 161 -0.09 -18.78 -4.92
N ARG A 162 -0.37 -19.13 -3.66
CA ARG A 162 -0.78 -20.49 -3.29
C ARG A 162 -2.07 -20.91 -3.99
N THR A 163 -3.06 -20.01 -3.98
CA THR A 163 -4.36 -20.29 -4.59
C THR A 163 -4.19 -20.61 -6.08
N LEU A 164 -3.35 -19.85 -6.77
CA LEU A 164 -3.08 -20.10 -8.19
C LEU A 164 -2.46 -21.48 -8.46
N SER A 165 -1.42 -21.83 -7.70
CA SER A 165 -0.74 -23.13 -7.88
C SER A 165 -1.62 -24.29 -7.43
N GLN A 166 -2.37 -24.11 -6.33
CA GLN A 166 -3.35 -25.11 -5.88
C GLN A 166 -4.45 -25.35 -6.90
N HIS A 167 -4.65 -24.41 -7.84
CA HIS A 167 -5.62 -24.60 -8.94
C HIS A 167 -5.04 -24.73 -10.34
N ASP A 168 -3.75 -25.05 -10.41
CA ASP A 168 -3.03 -25.28 -11.67
C ASP A 168 -2.99 -24.11 -12.64
N LEU A 169 -2.78 -22.92 -12.10
CA LEU A 169 -2.69 -21.67 -12.85
C LEU A 169 -1.33 -21.00 -12.69
N VAL A 170 -0.88 -20.37 -13.76
CA VAL A 170 0.39 -19.61 -13.74
C VAL A 170 0.09 -18.14 -14.05
N ALA A 171 0.61 -17.25 -13.20
CA ALA A 171 0.59 -15.82 -13.47
C ALA A 171 1.53 -15.51 -14.63
N PHE A 172 1.11 -14.60 -15.51
CA PHE A 172 1.98 -14.10 -16.58
C PHE A 172 1.77 -12.61 -16.83
N GLY A 173 2.76 -12.03 -17.52
CA GLY A 173 2.80 -10.61 -17.79
C GLY A 173 3.23 -9.84 -16.56
N GLU A 174 3.46 -8.54 -16.73
CA GLU A 174 3.73 -7.64 -15.62
C GLU A 174 2.43 -7.41 -14.86
N PRO A 175 2.49 -7.10 -13.58
CA PRO A 175 1.26 -6.86 -12.84
C PRO A 175 0.52 -5.65 -13.38
N LEU A 176 -0.79 -5.72 -13.51
CA LEU A 176 -1.57 -4.57 -13.94
C LEU A 176 -1.51 -3.49 -12.88
N CYS A 177 -1.57 -3.90 -11.62
CA CYS A 177 -1.50 -2.96 -10.52
C CYS A 177 -0.77 -3.58 -9.34
N ASP A 178 0.01 -2.79 -8.62
CA ASP A 178 0.67 -3.27 -7.41
C ASP A 178 -0.15 -2.55 -6.38
N SER A 179 -0.81 -3.31 -5.53
CA SER A 179 -1.75 -2.68 -4.65
C SER A 179 -1.25 -2.68 -3.21
N GLU A 180 -1.63 -1.64 -2.48
CA GLU A 180 -1.59 -1.63 -1.05
C GLU A 180 -2.68 -0.66 -0.58
N ALA A 181 -2.96 -0.68 0.73
CA ALA A 181 -3.91 0.26 1.30
C ALA A 181 -3.38 1.70 1.13
N VAL A 182 -4.29 2.61 0.80
CA VAL A 182 -3.92 3.98 0.49
C VAL A 182 -4.93 4.92 1.11
N LEU A 183 -4.45 6.12 1.44
CA LEU A 183 -5.29 7.21 1.90
C LEU A 183 -5.65 8.04 0.69
N ILE A 184 -6.93 8.14 0.37
CA ILE A 184 -7.34 8.90 -0.81
C ILE A 184 -8.00 10.21 -0.44
N GLU A 185 -8.00 11.12 -1.40
CA GLU A 185 -8.59 12.44 -1.28
C GLU A 185 -9.33 12.71 -2.57
N ARG A 186 -10.32 13.60 -2.52
CA ARG A 186 -10.99 14.09 -3.73
C ARG A 186 -9.97 14.87 -4.58
N ALA A 187 -9.85 14.53 -5.86
CA ALA A 187 -8.92 15.23 -6.78
C ALA A 187 -9.53 16.55 -7.22
N GLN A 194 -10.54 24.26 4.47
CA GLN A 194 -10.25 23.32 5.54
C GLN A 194 -8.93 22.58 5.28
N THR A 195 -8.05 23.26 4.55
CA THR A 195 -6.74 22.79 4.12
C THR A 195 -5.70 22.51 5.22
N GLU A 196 -5.63 23.34 6.24
CA GLU A 196 -4.68 23.10 7.31
C GLU A 196 -5.03 21.84 8.08
N ALA A 197 -6.31 21.68 8.36
CA ALA A 197 -6.83 20.49 9.04
C ALA A 197 -6.62 19.20 8.23
N ARG A 198 -6.73 19.31 6.91
CA ARG A 198 -6.52 18.18 6.03
C ARG A 198 -5.06 17.77 6.01
N ASP A 199 -4.16 18.75 5.92
CA ASP A 199 -2.73 18.48 5.98
C ASP A 199 -2.30 17.94 7.35
N GLN A 200 -2.97 18.39 8.40
CA GLN A 200 -2.72 17.91 9.77
C GLN A 200 -3.05 16.43 9.92
N LEU A 201 -4.20 16.02 9.41
CA LEU A 201 -4.57 14.63 9.42
C LEU A 201 -3.60 13.74 8.64
N VAL A 202 -3.18 14.22 7.47
CA VAL A 202 -2.22 13.49 6.64
C VAL A 202 -0.88 13.33 7.34
N ALA A 203 -0.44 14.37 8.02
CA ALA A 203 0.82 14.36 8.73
C ALA A 203 0.79 13.38 9.93
N ARG A 204 -0.34 13.34 10.65
CA ARG A 204 -0.52 12.36 11.71
C ARG A 204 -0.41 10.93 11.19
N VAL A 205 -1.19 10.63 10.15
CA VAL A 205 -1.24 9.30 9.58
C VAL A 205 0.11 8.92 9.00
N GLN A 206 0.77 9.86 8.33
CA GLN A 206 2.10 9.58 7.79
C GLN A 206 3.12 9.32 8.89
N GLY A 207 3.01 10.05 9.98
CA GLY A 207 3.90 9.85 11.11
C GLY A 207 3.84 8.47 11.71
N VAL A 208 2.65 7.87 11.70
CA VAL A 208 2.47 6.51 12.16
C VAL A 208 3.07 5.53 11.16
N VAL A 209 2.71 5.71 9.89
CA VAL A 209 3.20 4.83 8.82
C VAL A 209 4.73 4.81 8.83
N PHE A 210 5.36 5.97 8.96
CA PHE A 210 6.82 6.00 8.98
C PHE A 210 7.37 5.26 10.20
N GLY A 211 6.71 5.40 11.35
CA GLY A 211 7.06 4.61 12.53
C GLY A 211 7.00 3.10 12.34
N GLN A 212 6.04 2.64 11.53
CA GLN A 212 5.92 1.23 11.17
C GLN A 212 6.97 0.80 10.12
N GLN A 213 7.32 1.63 9.16
CA GLN A 213 8.20 1.22 8.09
C GLN A 213 9.66 1.41 8.19
N TYR A 214 10.08 2.27 9.07
CA TYR A 214 11.52 2.58 9.22
C TYR A 214 12.07 2.31 10.61
N LEU A 215 13.36 1.99 10.66
CA LEU A 215 14.11 1.83 11.89
C LEU A 215 15.19 2.88 11.89
N MET A 216 15.61 3.29 13.07
CA MET A 216 16.74 4.21 13.24
C MET A 216 18.03 3.40 13.26
N LEU A 217 19.01 3.79 12.45
CA LEU A 217 20.34 3.16 12.49
C LEU A 217 21.35 4.14 13.03
N ASP A 218 22.12 3.70 14.03
CA ASP A 218 23.26 4.43 14.55
C ASP A 218 24.51 3.61 14.28
N TYR A 219 25.54 4.27 13.75
CA TYR A 219 26.83 3.61 13.56
C TYR A 219 27.93 4.61 13.51
N ASP A 220 29.13 4.09 13.74
CA ASP A 220 30.36 4.81 13.52
C ASP A 220 30.92 4.38 12.15
N CYS A 221 31.31 5.36 11.34
CA CYS A 221 31.82 5.16 9.98
C CYS A 221 33.13 5.92 9.81
N PRO A 222 34.12 5.36 9.09
CA PRO A 222 35.29 6.18 8.73
C PRO A 222 34.97 7.28 7.70
N ARG A 223 35.61 8.45 7.88
CA ARG A 223 35.54 9.57 6.92
C ARG A 223 35.92 9.10 5.53
N SER A 224 36.96 8.27 5.50
CA SER A 224 37.30 7.41 4.35
C SER A 224 36.07 6.86 3.61
N ALA A 225 35.16 6.24 4.36
CA ALA A 225 34.01 5.53 3.79
C ALA A 225 32.71 6.32 3.71
N LEU A 226 32.65 7.51 4.31
CA LEU A 226 31.41 8.30 4.39
C LEU A 226 30.56 8.38 3.12
N LYS A 227 31.21 8.52 1.97
CA LYS A 227 30.52 8.65 0.68
C LYS A 227 29.68 7.42 0.37
N LYS A 228 30.31 6.25 0.46
CA LYS A 228 29.64 4.97 0.22
C LYS A 228 28.51 4.74 1.22
N ALA A 229 28.77 5.09 2.48
CA ALA A 229 27.81 4.95 3.58
C ALA A 229 26.51 5.75 3.39
N THR A 230 26.64 7.01 2.96
CA THR A 230 25.44 7.83 2.70
C THR A 230 24.70 7.35 1.46
N ALA A 231 25.40 6.73 0.51
CA ALA A 231 24.74 6.04 -0.60
C ALA A 231 23.95 4.81 -0.11
N ILE A 232 24.48 4.11 0.90
CA ILE A 232 23.78 2.97 1.53
C ILE A 232 22.63 3.44 2.45
N THR A 233 22.86 4.50 3.23
CA THR A 233 21.84 5.09 4.13
C THR A 233 21.59 6.57 3.84
N PRO A 234 20.73 6.87 2.84
CA PRO A 234 20.35 8.26 2.57
C PRO A 234 19.41 8.89 3.62
N GLY A 235 18.63 8.07 4.33
CA GLY A 235 17.69 8.57 5.34
C GLY A 235 16.37 8.99 4.76
N LEU A 236 15.32 9.01 5.60
CA LEU A 236 14.07 9.69 5.25
C LEU A 236 14.36 11.20 5.29
N GLU A 237 15.02 11.66 6.36
CA GLU A 237 15.61 13.00 6.42
C GLU A 237 17.14 12.93 6.31
N SER A 238 17.76 14.08 6.06
CA SER A 238 19.22 14.22 6.01
C SER A 238 19.87 13.46 7.17
N PRO A 239 20.76 12.49 6.88
CA PRO A 239 21.44 11.79 7.96
C PRO A 239 22.15 12.78 8.85
N THR A 240 21.94 12.65 10.15
CA THR A 240 22.74 13.41 11.11
C THR A 240 24.15 12.85 11.08
N ILE A 241 25.13 13.76 10.99
CA ILE A 241 26.52 13.39 10.94
C ILE A 241 27.34 14.27 11.85
N ALA A 242 28.06 13.68 12.80
CA ALA A 242 28.91 14.42 13.71
C ALA A 242 30.05 13.54 14.24
N PRO A 243 31.02 14.14 14.92
CA PRO A 243 32.17 13.38 15.43
C PRO A 243 32.03 12.97 16.89
N ASP A 246 37.24 11.44 18.72
CA ASP A 246 36.79 11.45 17.33
C ASP A 246 37.94 11.84 16.41
N PRO A 247 38.94 10.97 16.34
CA PRO A 247 40.12 11.23 15.52
C PRO A 247 39.96 11.26 14.00
N ASP A 248 39.26 10.31 13.42
CA ASP A 248 39.13 10.24 11.98
C ASP A 248 37.82 9.56 11.64
N TRP A 249 37.10 9.23 12.70
CA TRP A 249 35.80 8.62 12.58
C TRP A 249 34.70 9.59 12.78
N VAL A 250 33.53 9.17 12.37
CA VAL A 250 32.31 9.97 12.50
C VAL A 250 31.21 9.07 13.10
N ALA A 251 30.18 9.67 13.72
CA ALA A 251 28.97 8.94 14.16
C ALA A 251 27.77 9.37 13.31
N ILE A 252 26.99 8.39 12.84
CA ILE A 252 25.87 8.61 11.91
C ILE A 252 24.52 8.18 12.53
N ARG A 253 23.44 8.80 12.08
CA ARG A 253 22.07 8.49 12.44
C ARG A 253 21.23 8.60 11.19
N ALA A 254 20.50 7.56 10.83
CA ALA A 254 19.64 7.63 9.66
C ALA A 254 18.52 6.64 9.75
N LEU A 255 17.31 7.09 9.44
CA LEU A 255 16.17 6.20 9.29
C LEU A 255 16.36 5.36 8.04
N VAL A 256 16.11 4.06 8.16
CA VAL A 256 16.24 3.14 7.03
C VAL A 256 15.02 2.25 7.02
N PRO A 257 14.73 1.63 5.86
CA PRO A 257 13.55 0.76 5.82
C PRO A 257 13.73 -0.52 6.63
N ARG A 258 12.66 -0.94 7.31
CA ARG A 258 12.65 -2.12 8.16
C ARG A 258 12.87 -3.38 7.33
N ARG A 259 12.32 -3.39 6.11
CA ARG A 259 12.40 -4.56 5.23
C ARG A 259 13.84 -4.98 4.93
N ASP A 260 14.73 -4.00 4.74
CA ASP A 260 16.09 -4.22 4.19
C ASP A 260 17.24 -4.12 5.20
N VAL A 261 16.90 -3.96 6.47
CA VAL A 261 17.87 -3.51 7.47
C VAL A 261 19.04 -4.46 7.69
N ASN A 262 18.84 -5.78 7.63
CA ASN A 262 19.98 -6.71 7.76
C ASN A 262 20.97 -6.64 6.56
N GLY A 263 20.41 -6.55 5.35
CA GLY A 263 21.21 -6.29 4.14
C GLY A 263 21.96 -4.97 4.20
N ILE A 264 21.26 -3.93 4.62
CA ILE A 264 21.87 -2.62 4.78
C ILE A 264 23.02 -2.73 5.78
N MET A 265 22.73 -3.30 6.94
CA MET A 265 23.72 -3.47 8.00
C MET A 265 24.95 -4.26 7.56
N ASP A 266 24.78 -5.29 6.73
CA ASP A 266 25.93 -6.07 6.23
C ASP A 266 26.84 -5.25 5.31
N GLU A 267 26.23 -4.40 4.49
CA GLU A 267 26.98 -3.56 3.53
C GLU A 267 27.84 -2.56 4.27
N LEU A 268 27.27 -1.95 5.30
CA LEU A 268 27.99 -1.02 6.17
C LEU A 268 29.13 -1.72 6.87
N ALA A 269 28.88 -2.92 7.39
CA ALA A 269 29.95 -3.71 8.00
C ALA A 269 31.08 -3.99 7.00
N ALA A 270 30.68 -4.23 5.75
CA ALA A 270 31.63 -4.50 4.65
C ALA A 270 32.50 -3.30 4.23
N ILE A 271 32.08 -2.07 4.57
CA ILE A 271 32.91 -0.87 4.30
C ILE A 271 33.54 -0.26 5.57
N GLY A 272 33.71 -1.09 6.61
CA GLY A 272 34.40 -0.66 7.83
C GLY A 272 33.55 0.02 8.89
N ALA A 273 32.23 0.04 8.75
CA ALA A 273 31.37 0.62 9.79
C ALA A 273 31.41 -0.26 11.03
N LYS A 274 31.22 0.36 12.19
CA LYS A 274 31.27 -0.33 13.50
C LYS A 274 30.16 0.16 14.44
N ALA A 275 29.89 -0.64 15.47
CA ALA A 275 28.87 -0.33 16.50
C ALA A 275 27.53 0.02 15.85
N ILE A 276 27.19 -0.77 14.86
CA ILE A 276 25.98 -0.59 14.10
C ILE A 276 24.85 -1.12 14.97
N LEU A 277 23.80 -0.31 15.12
CA LEU A 277 22.77 -0.51 16.11
C LEU A 277 21.45 -0.02 15.53
N ALA A 278 20.48 -0.91 15.42
CA ALA A 278 19.17 -0.57 14.92
C ALA A 278 18.19 -0.54 16.07
N SER A 279 17.31 0.45 16.07
CA SER A 279 16.28 0.55 17.07
C SER A 279 14.99 1.05 16.47
N ASP A 280 13.88 0.63 17.08
CA ASP A 280 12.58 1.07 16.65
C ASP A 280 12.35 2.53 16.96
N ILE A 281 11.32 3.08 16.31
CA ILE A 281 10.78 4.39 16.59
C ILE A 281 9.25 4.25 16.54
N ARG A 282 8.53 5.22 17.09
CA ARG A 282 7.08 5.17 17.10
C ARG A 282 6.44 6.11 16.10
N PHE A 283 6.83 7.39 16.10
CA PHE A 283 6.22 8.41 15.23
C PHE A 283 7.24 9.39 14.63
N CYS A 284 6.92 9.94 13.45
CA CYS A 284 7.65 11.07 12.83
C CYS A 284 6.76 12.29 12.61
N ARG A 285 7.32 13.49 12.75
CA ARG A 285 6.79 14.71 12.13
C ARG A 285 7.92 15.36 11.36
N PHE A 286 8.09 14.94 10.12
CA PHE A 286 9.19 15.40 9.29
C PHE A 286 8.63 16.32 8.20
S SO4 B . -3.16 -16.12 -2.33
O1 SO4 B . -3.07 -17.60 -2.23
O2 SO4 B . -4.60 -15.76 -2.35
O3 SO4 B . -2.51 -15.66 -3.58
O4 SO4 B . -2.50 -15.48 -1.17
S SO4 C . -12.43 -14.20 -2.41
O1 SO4 C . -13.43 -14.35 -1.34
O2 SO4 C . -12.01 -15.53 -2.87
O3 SO4 C . -11.25 -13.45 -1.94
O4 SO4 C . -13.07 -13.45 -3.52
S SO4 D . -7.95 -14.94 -4.00
O1 SO4 D . -8.28 -16.36 -3.79
O2 SO4 D . -8.66 -14.37 -5.18
O3 SO4 D . -8.36 -14.19 -2.79
O4 SO4 D . -6.49 -14.81 -4.26
MG MG E . -12.46 -9.49 -1.55
MG MG F . -18.46 -8.45 -1.00
PG ATP G . -15.44 -9.39 0.32
O1G ATP G . -16.48 -9.63 -0.74
O2G ATP G . -15.98 -9.62 1.71
O3G ATP G . -14.11 -10.08 0.01
PB ATP G . -14.24 -6.99 -0.76
O1B ATP G . -13.62 -7.93 -1.77
O2B ATP G . -15.07 -5.85 -1.29
O3B ATP G . -15.11 -7.81 0.33
PA ATP G . -11.97 -7.14 0.97
O1A ATP G . -11.74 -8.50 0.35
O2A ATP G . -12.26 -7.02 2.44
O3A ATP G . -13.09 -6.31 0.16
O5' ATP G . -10.70 -6.21 0.72
C5' ATP G . -10.27 -5.90 -0.62
C4' ATP G . -8.80 -5.52 -0.61
O4' ATP G . -8.04 -6.58 -0.03
C3' ATP G . -8.26 -5.28 -2.03
O3' ATP G . -7.71 -3.97 -2.15
C2' ATP G . -7.21 -6.36 -2.19
O2' ATP G . -6.06 -5.97 -2.96
C1' ATP G . -6.82 -6.69 -0.75
N9 ATP G . -6.12 -7.99 -0.69
C8 ATP G . -4.86 -8.17 -0.23
N7 ATP G . -4.48 -9.46 -0.33
C5 ATP G . -5.50 -10.14 -0.87
C6 ATP G . -5.77 -11.55 -1.25
N6 ATP G . -4.84 -12.52 -1.08
N1 ATP G . -6.98 -11.85 -1.79
C2 ATP G . -7.93 -10.91 -1.99
N3 ATP G . -7.76 -9.61 -1.66
C4 ATP G . -6.59 -9.18 -1.11
#